data_6J0O
#
_entry.id   6J0O
#
_cell.length_a   60.250
_cell.length_b   60.250
_cell.length_c   153.550
_cell.angle_alpha   90.000
_cell.angle_beta   90.000
_cell.angle_gamma   90.000
#
_symmetry.space_group_name_H-M   'P 41 21 2'
#
loop_
_entity.id
_entity.type
_entity.pdbx_description
1 polymer 'LIPID-TRANSFER PROTEIN CERT'
2 non-polymer 2-[4-[2-fluoranyl-5-[3-(6-methylpyridin-2-yl)-1~{H}-pyrazol-4-yl]phenyl]phenyl]sulfonylethanol
3 non-polymer 'UNKNOWN ATOM OR ION'
4 water water
#
_entity_poly.entity_id   1
_entity_poly.type   'polypeptide(L)'
_entity_poly.pdbx_seq_one_letter_code
;GPTHRFVQKVEEMVQNHMTYSLQDVGGDANWQLVVEEGEMKVYRREVEENGIVLDPLKATHAVKGVTGHEVCNYFWNVDV
RNDWETTIENFHVVETLADNAIIIYQTHKRVWPASQRDVLYLSVIRKIPALTENDPETWIVCNFSVDHDSAPLNNRCVRA
KINVAMICQTLVSPPEGNQEISRDNILCKITYVANVNPGGWAPASVLRAVAKREYPKFLKRFTSYVQEKTAGKPILF
;
_entity_poly.pdbx_strand_id   A
#
# COMPACT_ATOMS: atom_id res chain seq x y z
N THR A 3 23.48 -3.81 -8.24
CA THR A 3 22.55 -4.96 -8.18
C THR A 3 22.60 -5.51 -6.77
N HIS A 4 21.56 -5.23 -5.97
CA HIS A 4 21.48 -5.70 -4.59
C HIS A 4 20.87 -7.13 -4.51
N ARG A 5 20.86 -7.69 -3.29
CA ARG A 5 20.59 -9.11 -3.09
C ARG A 5 19.11 -9.43 -3.20
N PHE A 6 18.25 -8.41 -3.27
CA PHE A 6 16.82 -8.66 -3.27
C PHE A 6 16.24 -8.38 -4.68
N VAL A 7 17.08 -8.25 -5.73
CA VAL A 7 16.61 -7.86 -7.06
C VAL A 7 15.66 -8.91 -7.62
N GLN A 8 15.97 -10.20 -7.46
CA GLN A 8 15.10 -11.25 -7.98
C GLN A 8 13.77 -11.30 -7.21
N LYS A 9 13.85 -11.19 -5.88
CA LYS A 9 12.68 -11.25 -5.03
C LYS A 9 11.76 -10.08 -5.41
N VAL A 10 12.37 -8.89 -5.57
CA VAL A 10 11.58 -7.72 -5.93
C VAL A 10 10.85 -7.96 -7.24
N GLU A 11 11.55 -8.48 -8.27
CA GLU A 11 10.97 -8.77 -9.56
C GLU A 11 9.77 -9.71 -9.37
N GLU A 12 9.92 -10.76 -8.55
CA GLU A 12 8.86 -11.74 -8.36
C GLU A 12 7.64 -11.07 -7.73
N MET A 13 7.86 -10.32 -6.65
CA MET A 13 6.75 -9.75 -5.89
C MET A 13 6.01 -8.72 -6.77
N VAL A 14 6.75 -7.91 -7.50
CA VAL A 14 6.14 -6.94 -8.40
C VAL A 14 5.36 -7.63 -9.52
N GLN A 15 5.93 -8.68 -10.11
CA GLN A 15 5.24 -9.30 -11.24
C GLN A 15 4.00 -10.04 -10.76
N ASN A 16 4.01 -10.53 -9.51
CA ASN A 16 2.82 -11.17 -8.98
C ASN A 16 1.68 -10.15 -8.84
N HIS A 17 1.99 -8.96 -8.35
CA HIS A 17 0.95 -7.95 -8.30
C HIS A 17 0.46 -7.57 -9.69
N MET A 18 1.40 -7.43 -10.65
CA MET A 18 0.99 -7.04 -12.00
C MET A 18 0.07 -8.12 -12.61
N THR A 19 0.32 -9.39 -12.31
CA THR A 19 -0.46 -10.49 -12.88
C THR A 19 -1.81 -10.66 -12.18
N TYR A 20 -1.82 -10.54 -10.85
CA TYR A 20 -2.98 -10.94 -10.10
C TYR A 20 -3.72 -9.78 -9.43
N SER A 21 -3.01 -8.72 -9.04
CA SER A 21 -3.65 -7.72 -8.17
C SER A 21 -4.49 -6.71 -8.97
N LEU A 22 -4.22 -6.56 -10.27
CA LEU A 22 -4.96 -5.54 -11.00
C LEU A 22 -6.33 -6.05 -11.44
N GLN A 23 -6.54 -7.37 -11.45
CA GLN A 23 -7.78 -7.92 -12.00
C GLN A 23 -8.98 -7.26 -11.33
N ASP A 24 -10.09 -7.23 -12.08
CA ASP A 24 -11.31 -6.59 -11.60
C ASP A 24 -11.93 -7.51 -10.56
N VAL A 25 -12.60 -6.91 -9.56
CA VAL A 25 -13.33 -7.65 -8.54
C VAL A 25 -14.78 -7.16 -8.46
N GLY A 26 -15.13 -6.15 -9.27
CA GLY A 26 -16.51 -5.70 -9.36
C GLY A 26 -17.45 -6.86 -9.67
N GLY A 27 -16.99 -7.78 -10.51
CA GLY A 27 -17.86 -8.86 -10.94
C GLY A 27 -17.69 -10.16 -10.15
N ASP A 28 -16.96 -10.09 -9.01
CA ASP A 28 -16.43 -11.33 -8.43
C ASP A 28 -16.97 -11.44 -7.02
N ALA A 29 -17.93 -12.38 -6.83
CA ALA A 29 -18.65 -12.57 -5.57
C ALA A 29 -17.77 -13.15 -4.47
N ASN A 30 -16.57 -13.60 -4.82
CA ASN A 30 -15.62 -14.02 -3.80
C ASN A 30 -15.05 -12.82 -3.02
N TRP A 31 -15.19 -11.60 -3.57
CA TRP A 31 -14.79 -10.36 -2.87
C TRP A 31 -16.04 -9.73 -2.27
N GLN A 32 -15.99 -9.42 -0.98
CA GLN A 32 -17.07 -8.64 -0.39
C GLN A 32 -16.73 -7.17 -0.51
N LEU A 33 -17.69 -6.41 -1.05
CA LEU A 33 -17.60 -4.96 -0.99
C LEU A 33 -17.99 -4.48 0.41
N VAL A 34 -17.03 -3.90 1.15
CA VAL A 34 -17.23 -3.61 2.55
C VAL A 34 -17.68 -2.17 2.72
N VAL A 35 -17.00 -1.25 2.03
CA VAL A 35 -17.26 0.17 2.14
C VAL A 35 -17.19 0.79 0.77
N GLU A 36 -18.12 1.72 0.49
CA GLU A 36 -18.02 2.54 -0.71
C GLU A 36 -18.24 4.01 -0.33
N GLU A 37 -17.31 4.85 -0.80
CA GLU A 37 -17.40 6.29 -0.70
C GLU A 37 -17.07 6.85 -2.08
N GLY A 38 -18.10 6.96 -2.94
CA GLY A 38 -17.97 7.47 -4.30
C GLY A 38 -17.21 6.48 -5.18
N GLU A 39 -16.07 6.94 -5.73
CA GLU A 39 -15.21 6.13 -6.54
C GLU A 39 -14.26 5.32 -5.65
N MET A 40 -14.24 5.55 -4.32
CA MET A 40 -13.44 4.64 -3.49
C MET A 40 -14.24 3.38 -3.15
N LYS A 41 -13.74 2.20 -3.51
CA LYS A 41 -14.44 0.93 -3.29
C LYS A 41 -13.49 -0.01 -2.54
N VAL A 42 -13.85 -0.38 -1.30
CA VAL A 42 -12.99 -1.21 -0.47
C VAL A 42 -13.58 -2.62 -0.34
N TYR A 43 -12.80 -3.64 -0.72
CA TYR A 43 -13.31 -4.98 -0.64
C TYR A 43 -12.42 -5.82 0.28
N ARG A 44 -12.95 -6.95 0.76
CA ARG A 44 -12.13 -7.92 1.47
C ARG A 44 -12.62 -9.36 1.22
N ARG A 45 -11.75 -10.33 1.55
CA ARG A 45 -12.17 -11.72 1.69
C ARG A 45 -11.96 -12.09 3.16
N GLU A 46 -12.82 -12.93 3.76
CA GLU A 46 -12.61 -13.27 5.16
C GLU A 46 -11.82 -14.58 5.18
N VAL A 47 -10.62 -14.51 5.74
CA VAL A 47 -9.69 -15.63 5.69
C VAL A 47 -9.04 -15.75 7.07
N GLU A 48 -9.03 -16.96 7.66
CA GLU A 48 -8.28 -17.21 8.89
C GLU A 48 -7.42 -18.44 8.67
N GLU A 49 -6.17 -18.38 9.12
CA GLU A 49 -5.24 -19.50 8.98
C GLU A 49 -4.69 -19.83 10.34
N ASN A 50 -4.81 -21.10 10.73
CA ASN A 50 -4.29 -21.55 12.00
C ASN A 50 -4.70 -20.53 13.06
N GLY A 51 -5.98 -20.10 13.03
CA GLY A 51 -6.55 -19.26 14.07
C GLY A 51 -6.32 -17.75 13.91
N ILE A 52 -5.52 -17.34 12.91
CA ILE A 52 -5.08 -15.95 12.74
C ILE A 52 -5.83 -15.33 11.55
N VAL A 53 -6.43 -14.15 11.76
CA VAL A 53 -7.19 -13.47 10.73
C VAL A 53 -6.27 -12.81 9.69
N LEU A 54 -6.40 -13.20 8.40
CA LEU A 54 -5.53 -12.69 7.34
C LEU A 54 -6.25 -11.74 6.39
N ASP A 55 -7.59 -11.80 6.34
CA ASP A 55 -8.44 -11.04 5.43
C ASP A 55 -7.72 -10.16 4.40
N PRO A 56 -7.49 -10.69 3.20
CA PRO A 56 -7.00 -9.92 2.05
C PRO A 56 -7.88 -8.69 1.83
N LEU A 57 -7.23 -7.54 1.65
CA LEU A 57 -7.97 -6.30 1.40
C LEU A 57 -7.59 -5.78 0.01
N LYS A 58 -8.59 -5.35 -0.75
CA LYS A 58 -8.27 -4.77 -2.03
C LYS A 58 -9.21 -3.59 -2.22
N ALA A 59 -8.66 -2.45 -2.67
CA ALA A 59 -9.47 -1.26 -2.87
C ALA A 59 -9.13 -0.67 -4.24
N THR A 60 -10.14 -0.04 -4.86
CA THR A 60 -9.89 0.82 -6.01
C THR A 60 -10.30 2.26 -5.71
N HIS A 61 -9.67 3.20 -6.40
CA HIS A 61 -10.05 4.58 -6.25
C HIS A 61 -9.66 5.31 -7.52
N ALA A 62 -10.29 6.48 -7.74
CA ALA A 62 -9.93 7.28 -8.90
C ALA A 62 -9.74 8.72 -8.44
N VAL A 63 -8.52 9.25 -8.59
CA VAL A 63 -8.20 10.52 -7.98
C VAL A 63 -7.90 11.55 -9.07
N LYS A 64 -8.69 12.65 -9.09
CA LYS A 64 -8.47 13.69 -10.08
C LYS A 64 -7.21 14.52 -9.83
N GLY A 65 -6.50 14.86 -10.92
CA GLY A 65 -5.55 15.96 -10.86
C GLY A 65 -4.16 15.58 -10.34
N VAL A 66 -3.86 14.28 -10.27
CA VAL A 66 -2.54 13.80 -9.86
C VAL A 66 -2.17 12.63 -10.77
N THR A 67 -0.86 12.39 -10.91
CA THR A 67 -0.35 11.31 -11.73
C THR A 67 0.04 10.14 -10.83
N GLY A 68 0.13 8.97 -11.46
CA GLY A 68 0.57 7.77 -10.76
C GLY A 68 1.99 7.92 -10.22
N HIS A 69 2.85 8.58 -10.99
CA HIS A 69 4.23 8.80 -10.56
C HIS A 69 4.19 9.66 -9.31
N GLU A 70 3.29 10.67 -9.26
CA GLU A 70 3.20 11.51 -8.07
C GLU A 70 2.69 10.70 -6.87
N VAL A 71 1.63 9.92 -7.07
CA VAL A 71 1.03 9.20 -5.95
C VAL A 71 2.08 8.23 -5.40
N CYS A 72 2.78 7.56 -6.30
CA CYS A 72 3.72 6.54 -5.82
C CYS A 72 4.90 7.21 -5.13
N ASN A 73 5.37 8.35 -5.67
CA ASN A 73 6.46 9.07 -5.01
C ASN A 73 6.04 9.47 -3.59
N TYR A 74 4.82 10.02 -3.40
CA TYR A 74 4.38 10.44 -2.06
C TYR A 74 4.23 9.25 -1.11
N PHE A 75 3.75 8.11 -1.64
CA PHE A 75 3.59 6.91 -0.80
C PHE A 75 4.92 6.29 -0.39
N TRP A 76 5.94 6.38 -1.25
CA TRP A 76 7.22 5.76 -0.97
C TRP A 76 8.12 6.67 -0.13
N ASN A 77 8.05 7.99 -0.32
CA ASN A 77 9.07 8.91 0.20
C ASN A 77 8.98 8.99 1.71
N VAL A 78 9.94 8.38 2.43
CA VAL A 78 9.85 8.38 3.88
C VAL A 78 9.83 9.81 4.44
N ASP A 79 10.32 10.81 3.70
CA ASP A 79 10.40 12.15 4.27
C ASP A 79 9.03 12.81 4.46
N VAL A 80 7.96 12.26 3.87
CA VAL A 80 6.66 12.89 4.03
C VAL A 80 5.69 11.98 4.80
N ARG A 81 6.21 10.83 5.27
CA ARG A 81 5.41 9.80 5.89
C ARG A 81 4.53 10.37 6.99
N ASN A 82 5.09 11.18 7.90
CA ASN A 82 4.36 11.69 9.06
C ASN A 82 3.31 12.73 8.65
N ASP A 83 3.36 13.22 7.42
CA ASP A 83 2.32 14.15 7.02
C ASP A 83 0.99 13.44 6.79
N TRP A 84 1.01 12.14 6.49
CA TRP A 84 -0.23 11.46 6.16
C TRP A 84 -0.50 10.23 7.04
N GLU A 85 0.54 9.56 7.55
CA GLU A 85 0.34 8.40 8.41
C GLU A 85 -0.27 8.83 9.73
N THR A 86 -1.14 7.97 10.30
CA THR A 86 -1.71 8.26 11.60
C THR A 86 -1.56 7.08 12.58
N THR A 87 -1.09 5.91 12.13
CA THR A 87 -1.04 4.82 13.10
C THR A 87 0.40 4.44 13.50
N ILE A 88 1.40 5.11 12.93
CA ILE A 88 2.81 4.81 13.22
C ILE A 88 3.22 5.42 14.56
N GLU A 89 3.96 4.67 15.36
CA GLU A 89 4.61 5.26 16.52
C GLU A 89 6.08 5.61 16.27
N ASN A 90 6.87 4.67 15.76
CA ASN A 90 8.29 4.90 15.47
C ASN A 90 8.58 4.31 14.10
N PHE A 91 9.58 4.83 13.37
CA PHE A 91 10.06 4.11 12.21
C PHE A 91 11.52 4.45 12.02
N HIS A 92 12.22 3.49 11.45
CA HIS A 92 13.65 3.64 11.25
C HIS A 92 13.99 3.02 9.89
N VAL A 93 14.80 3.74 9.11
CA VAL A 93 15.31 3.13 7.90
C VAL A 93 16.48 2.23 8.25
N VAL A 94 16.34 0.94 7.94
CA VAL A 94 17.29 -0.10 8.38
C VAL A 94 18.44 -0.21 7.38
N GLU A 95 18.12 -0.06 6.08
CA GLU A 95 19.07 -0.32 5.01
C GLU A 95 18.61 0.37 3.72
N THR A 96 19.57 1.00 3.02
CA THR A 96 19.31 1.50 1.68
C THR A 96 19.88 0.55 0.63
N LEU A 97 19.02 -0.04 -0.22
CA LEU A 97 19.45 -1.02 -1.21
C LEU A 97 19.78 -0.37 -2.55
N ALA A 98 18.99 0.65 -2.91
CA ALA A 98 19.09 1.32 -4.20
C ALA A 98 18.34 2.65 -4.13
N ASP A 99 18.43 3.48 -5.18
CA ASP A 99 17.75 4.76 -5.03
C ASP A 99 16.23 4.54 -4.99
N ASN A 100 15.79 3.31 -5.31
CA ASN A 100 14.34 3.08 -5.34
C ASN A 100 13.90 1.97 -4.39
N ALA A 101 14.76 1.60 -3.44
CA ALA A 101 14.43 0.44 -2.59
C ALA A 101 15.15 0.57 -1.24
N ILE A 102 14.38 0.49 -0.15
CA ILE A 102 14.93 0.60 1.20
C ILE A 102 14.27 -0.47 2.06
N ILE A 103 14.87 -0.73 3.23
CA ILE A 103 14.25 -1.61 4.22
C ILE A 103 13.95 -0.77 5.45
N ILE A 104 12.68 -0.88 5.92
CA ILE A 104 12.10 -0.07 6.99
C ILE A 104 11.67 -0.98 8.15
N TYR A 105 11.93 -0.52 9.37
CA TYR A 105 11.32 -1.06 10.59
C TYR A 105 10.34 -0.03 11.16
N GLN A 106 9.13 -0.48 11.54
CA GLN A 106 8.21 0.45 12.17
C GLN A 106 7.34 -0.25 13.20
N THR A 107 6.87 0.55 14.19
CA THR A 107 5.91 0.13 15.19
C THR A 107 4.61 0.90 14.98
N HIS A 108 3.49 0.24 15.26
CA HIS A 108 2.16 0.83 15.14
C HIS A 108 1.52 1.05 16.52
N LYS A 109 0.63 2.03 16.57
CA LYS A 109 -0.27 2.25 17.70
C LYS A 109 -1.06 0.98 18.05
N ARG A 110 -1.17 0.74 19.36
CA ARG A 110 -1.80 -0.49 19.80
C ARG A 110 -3.29 -0.53 19.40
N VAL A 111 -3.79 -1.67 18.94
CA VAL A 111 -5.24 -1.92 18.79
C VAL A 111 -5.73 -2.79 19.97
N TRP A 112 -6.32 -2.18 21.01
CA TRP A 112 -6.89 -2.87 22.18
C TRP A 112 -7.86 -3.95 21.74
N PRO A 113 -7.84 -5.17 22.32
CA PRO A 113 -6.95 -5.54 23.43
C PRO A 113 -5.70 -6.33 23.04
N ALA A 114 -5.32 -6.30 21.75
CA ALA A 114 -4.18 -7.07 21.28
C ALA A 114 -2.89 -6.29 21.56
N SER A 115 -1.76 -6.98 21.53
CA SER A 115 -0.60 -6.15 21.80
C SER A 115 -0.20 -5.37 20.55
N GLN A 116 0.63 -4.36 20.76
CA GLN A 116 1.18 -3.58 19.66
C GLN A 116 1.83 -4.51 18.63
N ARG A 117 1.88 -4.02 17.36
CA ARG A 117 2.55 -4.70 16.26
C ARG A 117 3.74 -3.86 15.75
N ASP A 118 4.76 -4.58 15.30
CA ASP A 118 5.86 -4.01 14.55
C ASP A 118 5.99 -4.73 13.20
N VAL A 119 6.83 -4.21 12.29
CA VAL A 119 6.90 -4.78 10.96
C VAL A 119 8.26 -4.38 10.36
N LEU A 120 8.76 -5.20 9.48
CA LEU A 120 10.11 -5.02 8.95
C LEU A 120 9.99 -5.39 7.49
N TYR A 121 10.08 -4.39 6.59
CA TYR A 121 9.71 -4.68 5.23
C TYR A 121 10.63 -3.96 4.24
N LEU A 122 10.67 -4.52 3.02
CA LEU A 122 11.32 -3.87 1.89
C LEU A 122 10.25 -3.04 1.16
N SER A 123 10.58 -1.76 0.88
CA SER A 123 9.70 -0.84 0.17
C SER A 123 10.40 -0.43 -1.13
N VAL A 124 9.78 -0.78 -2.26
CA VAL A 124 10.33 -0.51 -3.58
C VAL A 124 9.33 0.26 -4.44
N ILE A 125 9.84 1.20 -5.24
CA ILE A 125 9.06 1.95 -6.23
C ILE A 125 9.55 1.67 -7.64
N ARG A 126 8.65 1.23 -8.53
CA ARG A 126 9.03 0.86 -9.91
C ARG A 126 8.02 1.38 -10.94
N LYS A 127 8.55 1.69 -12.14
CA LYS A 127 7.70 1.95 -13.30
C LYS A 127 7.74 0.70 -14.16
N ILE A 128 6.55 0.20 -14.49
CA ILE A 128 6.36 -0.99 -15.32
C ILE A 128 5.82 -0.55 -16.66
N PRO A 129 6.57 -0.80 -17.76
CA PRO A 129 6.12 -0.46 -19.11
C PRO A 129 4.84 -1.17 -19.49
N ALA A 130 4.08 -0.51 -20.37
CA ALA A 130 2.85 -0.97 -20.99
C ALA A 130 3.04 -2.36 -21.59
N LEU A 131 2.14 -3.28 -21.25
CA LEU A 131 2.30 -4.67 -21.65
C LEU A 131 2.11 -4.83 -23.16
N THR A 132 1.14 -4.12 -23.72
CA THR A 132 0.95 -4.02 -25.15
C THR A 132 0.89 -2.54 -25.51
N GLU A 133 1.01 -2.20 -26.80
CA GLU A 133 1.11 -0.79 -27.18
C GLU A 133 -0.18 -0.07 -26.80
N ASN A 134 -1.24 -0.85 -26.55
CA ASN A 134 -2.55 -0.33 -26.22
C ASN A 134 -2.60 0.16 -24.77
N ASP A 135 -1.86 -0.51 -23.88
CA ASP A 135 -2.17 -0.48 -22.46
C ASP A 135 -1.50 0.71 -21.77
N PRO A 136 -1.91 1.05 -20.53
CA PRO A 136 -1.18 2.08 -19.77
C PRO A 136 0.13 1.61 -19.14
N GLU A 137 1.04 2.57 -18.92
CA GLU A 137 2.16 2.29 -18.05
C GLU A 137 1.66 2.32 -16.60
N THR A 138 2.38 1.62 -15.75
CA THR A 138 1.97 1.47 -14.35
C THR A 138 3.14 1.94 -13.48
N TRP A 139 2.82 2.74 -12.44
CA TRP A 139 3.78 2.96 -11.36
C TRP A 139 3.29 2.15 -10.17
N ILE A 140 4.22 1.49 -9.47
CA ILE A 140 3.84 0.65 -8.32
C ILE A 140 4.83 0.83 -7.17
N VAL A 141 4.28 0.80 -5.95
CA VAL A 141 5.08 0.69 -4.73
C VAL A 141 4.65 -0.62 -4.12
N CYS A 142 5.65 -1.49 -3.84
CA CYS A 142 5.35 -2.71 -3.10
C CYS A 142 6.13 -2.70 -1.80
N ASN A 143 5.40 -3.02 -0.72
CA ASN A 143 5.97 -3.07 0.63
C ASN A 143 5.80 -4.51 1.11
N PHE A 144 6.91 -5.25 1.27
CA PHE A 144 6.74 -6.65 1.66
C PHE A 144 7.77 -7.06 2.72
N SER A 145 7.31 -7.82 3.71
CA SER A 145 8.14 -8.26 4.83
C SER A 145 9.38 -9.05 4.36
N VAL A 146 10.50 -8.74 5.01
CA VAL A 146 11.75 -9.48 4.81
C VAL A 146 12.41 -9.68 6.16
N ASP A 147 13.39 -10.60 6.20
CA ASP A 147 14.22 -10.83 7.38
C ASP A 147 15.44 -9.93 7.30
N HIS A 148 15.99 -9.49 8.44
CA HIS A 148 17.23 -8.73 8.38
C HIS A 148 17.96 -8.95 9.71
N ASP A 149 19.29 -9.03 9.69
CA ASP A 149 20.05 -9.33 10.89
C ASP A 149 20.07 -8.11 11.83
N SER A 150 19.77 -6.91 11.32
CA SER A 150 19.72 -5.76 12.20
C SER A 150 18.29 -5.50 12.67
N ALA A 151 17.40 -6.49 12.55
CA ALA A 151 16.05 -6.34 13.10
C ALA A 151 16.09 -5.87 14.57
N PRO A 152 15.37 -4.80 14.95
CA PRO A 152 15.26 -4.39 16.37
C PRO A 152 14.67 -5.41 17.35
N LEU A 153 15.12 -5.41 18.61
CA LEU A 153 14.40 -6.13 19.67
C LEU A 153 13.32 -5.25 20.31
N ASN A 154 12.05 -5.68 20.30
CA ASN A 154 11.04 -4.82 20.85
C ASN A 154 10.03 -5.70 21.58
N ASN A 155 10.13 -5.82 22.91
CA ASN A 155 9.39 -6.87 23.58
C ASN A 155 7.92 -6.50 23.75
N ARG A 156 7.56 -5.24 23.45
CA ARG A 156 6.15 -4.89 23.54
C ARG A 156 5.39 -5.27 22.27
N CYS A 157 6.10 -5.69 21.22
CA CYS A 157 5.46 -5.83 19.90
C CYS A 157 5.49 -7.28 19.40
N VAL A 158 4.37 -7.70 18.75
CA VAL A 158 4.28 -8.93 17.97
C VAL A 158 4.55 -8.53 16.52
N ARG A 159 5.30 -9.37 15.79
CA ARG A 159 5.78 -8.96 14.47
C ARG A 159 4.77 -9.37 13.39
N ALA A 160 4.16 -8.38 12.76
CA ALA A 160 3.25 -8.63 11.65
C ALA A 160 4.07 -8.91 10.40
N LYS A 161 3.43 -9.54 9.41
CA LYS A 161 4.05 -9.70 8.11
C LYS A 161 3.10 -9.11 7.07
N ILE A 162 3.67 -8.36 6.14
CA ILE A 162 2.85 -7.65 5.15
C ILE A 162 3.24 -7.97 3.72
N ASN A 163 2.24 -7.84 2.82
CA ASN A 163 2.48 -7.68 1.42
C ASN A 163 1.45 -6.67 0.91
N VAL A 164 1.92 -5.44 0.64
CA VAL A 164 1.07 -4.32 0.25
C VAL A 164 1.57 -3.79 -1.10
N ALA A 165 0.63 -3.31 -1.92
CA ALA A 165 1.00 -2.62 -3.14
C ALA A 165 0.05 -1.48 -3.44
N MET A 166 0.63 -0.34 -3.84
CA MET A 166 -0.13 0.79 -4.33
C MET A 166 0.14 0.86 -5.84
N ILE A 167 -0.87 0.55 -6.68
CA ILE A 167 -0.62 0.33 -8.11
C ILE A 167 -1.41 1.42 -8.86
N CYS A 168 -0.75 2.23 -9.71
CA CYS A 168 -1.42 3.38 -10.33
C CYS A 168 -1.23 3.38 -11.83
N GLN A 169 -2.34 3.65 -12.54
CA GLN A 169 -2.34 3.88 -13.99
C GLN A 169 -3.03 5.23 -14.19
N THR A 170 -2.55 6.03 -15.17
CA THR A 170 -2.93 7.43 -15.24
C THR A 170 -3.53 7.70 -16.61
N LEU A 171 -4.72 8.32 -16.65
CA LEU A 171 -5.40 8.60 -17.92
C LEU A 171 -5.35 10.08 -18.15
N VAL A 172 -5.05 10.51 -19.38
CA VAL A 172 -4.94 11.94 -19.60
C VAL A 172 -5.67 12.28 -20.90
N SER A 173 -6.11 13.53 -21.04
CA SER A 173 -6.39 14.11 -22.34
C SER A 173 -5.09 14.30 -23.14
N GLU A 180 -0.20 20.68 -24.22
CA GLU A 180 0.15 21.06 -22.82
C GLU A 180 -0.97 20.66 -21.83
N ILE A 181 -0.69 19.73 -20.90
CA ILE A 181 -1.82 19.06 -20.25
C ILE A 181 -2.08 19.64 -18.85
N SER A 182 -3.32 20.02 -18.56
CA SER A 182 -3.67 20.64 -17.29
C SER A 182 -4.07 19.54 -16.30
N ARG A 183 -3.93 19.81 -15.00
CA ARG A 183 -4.31 18.84 -13.97
C ARG A 183 -5.81 18.57 -14.03
N ASP A 184 -6.59 19.52 -14.54
CA ASP A 184 -8.00 19.28 -14.83
C ASP A 184 -8.24 18.04 -15.70
N ASN A 185 -7.27 17.64 -16.53
CA ASN A 185 -7.54 16.57 -17.47
C ASN A 185 -6.68 15.33 -17.17
N ILE A 186 -6.32 15.14 -15.90
CA ILE A 186 -5.59 13.92 -15.58
C ILE A 186 -6.35 13.22 -14.43
N LEU A 187 -6.30 11.89 -14.43
CA LEU A 187 -7.02 11.07 -13.44
C LEU A 187 -6.15 9.88 -13.10
N CYS A 188 -5.96 9.62 -11.81
CA CYS A 188 -5.09 8.49 -11.46
C CYS A 188 -5.97 7.35 -10.95
N LYS A 189 -5.86 6.18 -11.61
CA LYS A 189 -6.64 5.01 -11.25
C LYS A 189 -5.80 4.17 -10.27
N ILE A 190 -6.28 4.02 -9.04
CA ILE A 190 -5.49 3.32 -8.03
C ILE A 190 -6.09 1.95 -7.75
N THR A 191 -5.21 0.93 -7.63
CA THR A 191 -5.56 -0.30 -6.94
C THR A 191 -4.59 -0.48 -5.78
N TYR A 192 -5.15 -0.58 -4.57
CA TYR A 192 -4.38 -0.76 -3.35
C TYR A 192 -4.72 -2.15 -2.78
N VAL A 193 -3.68 -2.96 -2.52
CA VAL A 193 -3.92 -4.28 -1.97
C VAL A 193 -3.06 -4.42 -0.71
N ALA A 194 -3.67 -5.03 0.32
CA ALA A 194 -3.00 -5.19 1.60
C ALA A 194 -3.30 -6.60 2.14
N ASN A 195 -2.23 -7.39 2.28
CA ASN A 195 -2.33 -8.73 2.85
C ASN A 195 -1.48 -8.74 4.10
N VAL A 196 -2.14 -8.59 5.24
CA VAL A 196 -1.50 -8.38 6.52
C VAL A 196 -1.68 -9.64 7.36
N ASN A 197 -0.57 -10.26 7.77
CA ASN A 197 -0.67 -11.32 8.78
C ASN A 197 -0.31 -10.71 10.13
N PRO A 198 -1.26 -10.58 11.08
CA PRO A 198 -0.97 -9.92 12.35
C PRO A 198 0.04 -10.65 13.24
N GLY A 199 0.31 -11.93 12.94
CA GLY A 199 1.52 -12.55 13.46
C GLY A 199 1.34 -13.20 14.82
N GLY A 200 0.09 -13.28 15.25
CA GLY A 200 -0.19 -13.94 16.51
C GLY A 200 -1.63 -13.61 16.85
N TRP A 201 -1.95 -13.72 18.14
CA TRP A 201 -3.33 -13.63 18.63
C TRP A 201 -3.93 -12.25 18.41
N ALA A 202 -5.14 -12.21 17.86
CA ALA A 202 -5.86 -10.95 17.85
C ALA A 202 -7.31 -11.30 17.62
N PRO A 203 -8.26 -10.75 18.39
CA PRO A 203 -9.66 -11.09 18.17
C PRO A 203 -10.19 -10.66 16.80
N ALA A 204 -10.82 -11.62 16.10
CA ALA A 204 -11.21 -11.38 14.73
C ALA A 204 -12.16 -10.19 14.58
N SER A 205 -13.15 -10.04 15.48
CA SER A 205 -14.16 -9.02 15.22
C SER A 205 -13.54 -7.62 15.33
N VAL A 206 -12.55 -7.50 16.21
CA VAL A 206 -11.95 -6.20 16.42
C VAL A 206 -11.09 -5.86 15.19
N LEU A 207 -10.24 -6.79 14.76
CA LEU A 207 -9.46 -6.58 13.52
C LEU A 207 -10.34 -6.18 12.34
N ARG A 208 -11.47 -6.88 12.18
CA ARG A 208 -12.34 -6.60 11.06
C ARG A 208 -12.96 -5.22 11.18
N ALA A 209 -13.20 -4.80 12.43
CA ALA A 209 -13.91 -3.54 12.62
C ALA A 209 -12.95 -2.41 12.31
N VAL A 210 -11.72 -2.53 12.79
CA VAL A 210 -10.63 -1.59 12.53
C VAL A 210 -10.27 -1.55 11.05
N ALA A 211 -10.25 -2.68 10.35
CA ALA A 211 -9.92 -2.63 8.94
C ALA A 211 -10.99 -1.81 8.22
N LYS A 212 -12.26 -2.02 8.62
CA LYS A 212 -13.41 -1.45 7.92
C LYS A 212 -13.42 0.07 8.09
N ARG A 213 -13.04 0.53 9.27
CA ARG A 213 -12.93 1.94 9.55
C ARG A 213 -11.66 2.59 8.98
N GLU A 214 -10.50 1.93 9.16
CA GLU A 214 -9.23 2.61 8.98
C GLU A 214 -8.77 2.60 7.52
N TYR A 215 -9.06 1.52 6.79
CA TYR A 215 -8.54 1.48 5.42
C TYR A 215 -9.14 2.63 4.60
N PRO A 216 -10.47 2.86 4.64
CA PRO A 216 -11.05 4.00 3.94
C PRO A 216 -10.51 5.37 4.42
N LYS A 217 -10.26 5.48 5.74
CA LYS A 217 -9.76 6.75 6.26
C LYS A 217 -8.35 7.01 5.76
N PHE A 218 -7.54 5.94 5.70
CA PHE A 218 -6.19 6.03 5.15
C PHE A 218 -6.24 6.45 3.67
N LEU A 219 -7.05 5.78 2.86
CA LEU A 219 -7.05 6.05 1.44
C LEU A 219 -7.52 7.48 1.20
N LYS A 220 -8.51 7.94 1.98
CA LYS A 220 -9.03 9.30 1.78
C LYS A 220 -7.98 10.33 2.17
N ARG A 221 -7.33 10.12 3.31
CA ARG A 221 -6.41 11.12 3.81
C ARG A 221 -5.15 11.20 2.95
N PHE A 222 -4.66 10.02 2.58
CA PHE A 222 -3.46 9.95 1.75
C PHE A 222 -3.73 10.60 0.38
N THR A 223 -4.81 10.20 -0.29
CA THR A 223 -5.02 10.68 -1.66
C THR A 223 -5.33 12.18 -1.66
N SER A 224 -6.00 12.64 -0.61
CA SER A 224 -6.26 14.07 -0.56
C SER A 224 -4.99 14.90 -0.26
N TYR A 225 -4.07 14.29 0.50
CA TYR A 225 -2.78 14.91 0.79
C TYR A 225 -2.03 15.09 -0.53
N VAL A 226 -2.04 14.05 -1.38
CA VAL A 226 -1.29 14.22 -2.63
C VAL A 226 -1.91 15.32 -3.48
N GLN A 227 -3.24 15.40 -3.52
CA GLN A 227 -3.87 16.45 -4.31
C GLN A 227 -3.45 17.83 -3.76
N GLU A 228 -3.45 17.95 -2.43
CA GLU A 228 -3.13 19.21 -1.79
C GLU A 228 -1.69 19.62 -2.09
N LYS A 229 -0.71 18.70 -2.06
CA LYS A 229 0.69 19.09 -2.18
C LYS A 229 1.09 19.33 -3.63
N THR A 230 0.34 18.76 -4.58
CA THR A 230 0.75 18.93 -5.97
C THR A 230 -0.04 20.08 -6.61
N ALA A 231 -1.06 20.61 -5.91
CA ALA A 231 -1.86 21.66 -6.55
C ALA A 231 -0.94 22.83 -6.90
N GLY A 232 -1.19 23.42 -8.08
CA GLY A 232 -0.38 24.52 -8.59
C GLY A 232 1.12 24.23 -8.65
N LYS A 233 1.53 22.96 -8.70
CA LYS A 233 2.92 22.65 -9.03
C LYS A 233 2.96 22.00 -10.41
N PRO A 234 4.08 22.08 -11.15
CA PRO A 234 4.13 21.44 -12.47
C PRO A 234 3.95 19.92 -12.32
N ILE A 235 3.30 19.32 -13.30
CA ILE A 235 2.98 17.90 -13.21
C ILE A 235 4.25 17.10 -13.41
N LEU A 236 4.46 16.06 -12.58
CA LEU A 236 5.49 15.07 -12.87
C LEU A 236 4.82 13.81 -13.38
N PHE A 237 4.97 13.56 -14.69
CA PHE A 237 4.36 12.38 -15.29
C PHE A 237 5.26 11.17 -15.01
#